data_6DCN
#
_entry.id   6DCN
#
_cell.length_a   109.419
_cell.length_b   109.419
_cell.length_c   97.127
_cell.angle_alpha   90.00
_cell.angle_beta   90.00
_cell.angle_gamma   90.00
#
_symmetry.space_group_name_H-M   'P 4 21 2'
#
loop_
_entity.id
_entity.type
_entity.pdbx_description
1 polymer 'BCL-xl protein'
2 polymer Beclin-1
3 water water
#
loop_
_entity_poly.entity_id
_entity_poly.type
_entity_poly.pdbx_seq_one_letter_code
_entity_poly.pdbx_strand_id
1 'polypeptide(L)'
;PLGSMSQSNRELVVDFLSYKLSQKGYSWSQMAAVKQALREAGDEFELRYRRAFSDLTSQLHITPGTAYQSFEQVVNELFR
DGVNWGRIVAFFSFGGALCVESVDKEMQVLVSRIAAWMATYLNDHLEPWIQENGGWDTFVELYGNNAAAESRKGQE
;
A,B
2 'polypeptide(L)' DGG(TPO)MENLSRRLKVTGDLFDIMSGQT D,C
#
# COMPACT_ATOMS: atom_id res chain seq x y z
N PRO A 1 9.92 -10.14 -9.21
CA PRO A 1 10.30 -9.70 -7.87
C PRO A 1 9.08 -9.67 -6.94
N LEU A 2 8.93 -8.61 -6.16
CA LEU A 2 7.73 -8.46 -5.35
C LEU A 2 6.50 -8.29 -6.24
N GLY A 3 5.45 -9.05 -5.92
CA GLY A 3 4.14 -8.87 -6.54
C GLY A 3 4.08 -9.04 -8.04
N SER A 4 4.92 -9.91 -8.60
CA SER A 4 5.00 -10.13 -10.04
C SER A 4 3.74 -10.75 -10.63
N MET A 5 2.81 -11.20 -9.80
CA MET A 5 1.62 -11.89 -10.28
C MET A 5 0.35 -11.08 -10.16
N SER A 6 0.39 -9.91 -9.52
CA SER A 6 -0.82 -9.11 -9.27
C SER A 6 -1.00 -8.10 -10.39
N GLN A 7 -1.34 -8.61 -11.57
CA GLN A 7 -1.34 -7.81 -12.80
C GLN A 7 -2.72 -7.68 -13.43
N SER A 8 -3.76 -8.09 -12.74
CA SER A 8 -5.10 -8.04 -13.29
C SER A 8 -5.75 -6.68 -13.04
N ASN A 9 -6.70 -6.33 -13.91
CA ASN A 9 -7.56 -5.19 -13.65
C ASN A 9 -8.23 -5.29 -12.29
N ARG A 10 -8.66 -6.50 -11.89
CA ARG A 10 -9.27 -6.65 -10.58
C ARG A 10 -8.31 -6.25 -9.47
N GLU A 11 -7.02 -6.54 -9.66
CA GLU A 11 -6.03 -6.14 -8.67
C GLU A 11 -5.83 -4.63 -8.66
N LEU A 12 -5.87 -4.00 -9.84
CA LEU A 12 -5.83 -2.55 -9.91
C LEU A 12 -6.95 -1.93 -9.06
N VAL A 13 -8.18 -2.44 -9.22
CA VAL A 13 -9.28 -1.98 -8.37
C VAL A 13 -8.93 -2.22 -6.90
N VAL A 14 -8.59 -3.47 -6.55
CA VAL A 14 -8.34 -3.81 -5.15
C VAL A 14 -7.27 -2.90 -4.57
N ASP A 15 -6.19 -2.66 -5.33
CA ASP A 15 -5.11 -1.82 -4.85
C ASP A 15 -5.57 -0.39 -4.63
N PHE A 16 -6.33 0.17 -5.58
CA PHE A 16 -6.77 1.56 -5.43
C PHE A 16 -7.66 1.71 -4.20
N LEU A 17 -8.61 0.80 -4.01
CA LEU A 17 -9.53 0.93 -2.88
C LEU A 17 -8.81 0.69 -1.56
N SER A 18 -7.83 -0.21 -1.54
CA SER A 18 -7.05 -0.42 -0.32
C SER A 18 -6.30 0.85 0.06
N TYR A 19 -5.63 1.46 -0.92
CA TYR A 19 -4.95 2.71 -0.69
C TYR A 19 -5.89 3.75 -0.09
N LYS A 20 -7.11 3.87 -0.63
CA LYS A 20 -8.05 4.91 -0.19
C LYS A 20 -8.56 4.64 1.21
N LEU A 21 -8.88 3.38 1.52
CA LEU A 21 -9.35 3.05 2.86
C LEU A 21 -8.27 3.33 3.90
N SER A 22 -7.04 2.85 3.65
CA SER A 22 -6.00 3.04 4.65
C SER A 22 -5.53 4.49 4.69
N GLN A 23 -5.62 5.20 3.57
CA GLN A 23 -5.30 6.64 3.57
C GLN A 23 -6.20 7.41 4.51
N LYS A 24 -7.45 6.97 4.67
CA LYS A 24 -8.38 7.55 5.62
C LYS A 24 -8.43 6.75 6.91
N GLY A 25 -7.48 5.85 7.12
CA GLY A 25 -7.33 5.19 8.41
C GLY A 25 -8.20 3.99 8.66
N TYR A 26 -8.83 3.42 7.62
CA TYR A 26 -9.76 2.32 7.81
C TYR A 26 -9.13 1.01 7.36
N SER A 27 -9.33 -0.04 8.15
CA SER A 27 -8.88 -1.37 7.79
C SER A 27 -10.08 -2.24 7.46
N TRP A 28 -9.89 -3.13 6.50
CA TRP A 28 -10.95 -4.03 6.04
C TRP A 28 -10.73 -5.46 6.48
N SER A 29 -9.69 -5.74 7.27
CA SER A 29 -9.39 -7.08 7.75
C SER A 29 -8.33 -6.96 8.84
N GLN A 30 -8.20 -8.03 9.63
CA GLN A 30 -7.15 -8.04 10.66
C GLN A 30 -5.78 -7.89 10.02
N MET A 31 -5.55 -8.58 8.91
CA MET A 31 -4.28 -8.44 8.20
C MET A 31 -4.06 -6.98 7.78
N ALA A 32 -5.10 -6.33 7.26
CA ALA A 32 -4.96 -4.96 6.81
C ALA A 32 -4.53 -4.05 7.95
N ALA A 33 -5.09 -4.28 9.15
CA ALA A 33 -4.73 -3.45 10.29
C ALA A 33 -3.29 -3.68 10.71
N VAL A 34 -2.80 -4.91 10.54
CA VAL A 34 -1.39 -5.17 10.81
C VAL A 34 -0.51 -4.45 9.81
N LYS A 35 -0.84 -4.54 8.50
CA LYS A 35 -0.02 -3.88 7.50
C LYS A 35 0.04 -2.39 7.73
N GLN A 36 -1.11 -1.75 7.95
CA GLN A 36 -1.13 -0.32 8.21
C GLN A 36 -0.29 0.02 9.44
N ALA A 37 -0.47 -0.73 10.52
CA ALA A 37 0.31 -0.49 11.73
C ALA A 37 1.80 -0.64 11.45
N LEU A 38 2.16 -1.66 10.67
CA LEU A 38 3.56 -1.93 10.43
C LEU A 38 4.17 -0.82 9.57
N ARG A 39 3.49 -0.44 8.49
CA ARG A 39 3.95 0.68 7.68
C ARG A 39 4.14 1.95 8.52
N GLU A 40 3.19 2.25 9.40
CA GLU A 40 3.31 3.49 10.17
C GLU A 40 4.46 3.41 11.15
N ALA A 41 4.61 2.29 11.84
CA ALA A 41 5.75 2.14 12.75
C ALA A 41 7.07 2.32 12.01
N GLY A 42 7.17 1.79 10.79
CA GLY A 42 8.41 1.92 10.04
C GLY A 42 8.74 3.36 9.70
N ASP A 43 7.74 4.08 9.17
CA ASP A 43 7.91 5.51 8.94
C ASP A 43 8.39 6.20 10.21
N GLU A 44 7.69 5.97 11.32
CA GLU A 44 8.04 6.66 12.55
C GLU A 44 9.41 6.19 13.05
N PHE A 45 9.69 4.89 12.93
CA PHE A 45 11.03 4.41 13.26
C PHE A 45 12.10 5.15 12.46
N GLU A 46 11.93 5.18 11.12
CA GLU A 46 12.96 5.76 10.27
C GLU A 46 13.13 7.25 10.49
N LEU A 47 12.05 7.97 10.79
CA LEU A 47 12.20 9.39 11.11
C LEU A 47 12.95 9.57 12.42
N ARG A 48 12.66 8.74 13.42
CA ARG A 48 13.43 8.77 14.66
C ARG A 48 14.88 8.43 14.38
N TYR A 49 15.12 7.41 13.55
CA TYR A 49 16.48 6.95 13.29
C TYR A 49 17.28 8.01 12.55
N ARG A 50 16.73 8.58 11.47
CA ARG A 50 17.54 9.43 10.63
C ARG A 50 17.82 10.78 11.27
N ARG A 51 17.04 11.17 12.29
CA ARG A 51 17.36 12.38 13.02
C ARG A 51 18.55 12.16 13.94
N ALA A 52 18.53 11.09 14.72
CA ALA A 52 19.62 10.82 15.65
C ALA A 52 20.90 10.45 14.92
N PHE A 53 20.79 9.90 13.71
CA PHE A 53 21.94 9.41 12.96
C PHE A 53 21.87 9.91 11.52
N SER A 54 22.41 9.15 10.58
CA SER A 54 22.15 9.37 9.17
C SER A 54 21.02 8.46 8.72
N ASP A 55 20.46 8.73 7.54
CA ASP A 55 19.49 7.80 6.98
C ASP A 55 20.14 6.43 6.82
N LEU A 56 19.38 5.37 7.10
CA LEU A 56 20.05 4.08 7.20
C LEU A 56 20.28 3.41 5.86
N THR A 57 19.84 4.01 4.75
CA THR A 57 20.36 3.58 3.46
C THR A 57 21.76 4.11 3.19
N SER A 58 22.15 5.20 3.85
CA SER A 58 23.42 5.87 3.53
C SER A 58 24.63 5.05 3.96
N GLN A 59 24.50 4.23 5.01
CA GLN A 59 25.65 3.54 5.58
C GLN A 59 25.96 2.20 4.93
N LEU A 60 25.03 1.66 4.15
CA LEU A 60 25.10 0.26 3.73
C LEU A 60 26.09 0.06 2.59
N HIS A 61 26.89 -1.01 2.70
CA HIS A 61 27.86 -1.38 1.66
C HIS A 61 27.60 -2.83 1.27
N ILE A 62 26.57 -3.04 0.45
CA ILE A 62 26.14 -4.39 0.07
C ILE A 62 26.56 -4.72 -1.35
N THR A 63 26.80 -6.01 -1.58
CA THR A 63 27.00 -6.60 -2.89
C THR A 63 26.18 -7.87 -2.90
N PRO A 64 25.96 -8.50 -4.06
CA PRO A 64 25.26 -9.79 -4.03
C PRO A 64 26.00 -10.83 -3.23
N GLY A 65 27.34 -10.80 -3.25
CA GLY A 65 28.11 -11.80 -2.54
C GLY A 65 28.15 -11.64 -1.04
N THR A 66 27.97 -10.41 -0.54
CA THR A 66 28.03 -10.14 0.88
C THR A 66 26.68 -9.79 1.50
N ALA A 67 25.63 -9.63 0.70
CA ALA A 67 24.34 -9.18 1.20
C ALA A 67 23.83 -10.09 2.31
N TYR A 68 23.89 -11.40 2.09
CA TYR A 68 23.29 -12.33 3.04
C TYR A 68 24.00 -12.28 4.39
N GLN A 69 25.34 -12.34 4.36
CA GLN A 69 26.10 -12.32 5.60
C GLN A 69 25.89 -11.03 6.37
N SER A 70 25.84 -9.90 5.63
CA SER A 70 25.57 -8.61 6.26
C SER A 70 24.19 -8.58 6.89
N PHE A 71 23.21 -9.14 6.19
CA PHE A 71 21.86 -9.13 6.71
C PHE A 71 21.78 -9.99 7.99
N GLU A 72 22.36 -11.18 7.96
CA GLU A 72 22.27 -12.07 9.10
C GLU A 72 23.08 -11.55 10.29
N GLN A 73 24.23 -10.95 10.04
CA GLN A 73 25.00 -10.47 11.17
C GLN A 73 24.25 -9.36 11.90
N VAL A 74 23.72 -8.40 11.15
CA VAL A 74 23.00 -7.30 11.78
C VAL A 74 21.80 -7.82 12.55
N VAL A 75 21.02 -8.71 11.92
CA VAL A 75 19.79 -9.19 12.55
C VAL A 75 20.09 -10.06 13.77
N ASN A 76 21.06 -10.98 13.66
CA ASN A 76 21.46 -11.77 14.82
C ASN A 76 21.84 -10.88 16.00
N GLU A 77 22.60 -9.81 15.76
CA GLU A 77 22.96 -8.96 16.88
C GLU A 77 21.76 -8.18 17.40
N LEU A 78 20.84 -7.81 16.50
CA LEU A 78 19.67 -7.04 16.93
C LEU A 78 18.85 -7.80 17.97
N PHE A 79 18.71 -9.10 17.77
CA PHE A 79 17.89 -9.94 18.63
C PHE A 79 18.70 -10.82 19.56
N ARG A 80 20.02 -10.64 19.60
N ARG A 80 20.03 -10.65 19.64
CA ARG A 80 20.91 -11.48 20.41
CA ARG A 80 20.83 -11.58 20.42
C ARG A 80 20.45 -11.57 21.86
C ARG A 80 20.41 -11.60 21.88
N ASP A 81 20.05 -10.45 22.45
CA ASP A 81 19.69 -10.36 23.85
C ASP A 81 18.19 -10.15 24.04
N GLY A 82 17.37 -10.61 23.09
CA GLY A 82 15.93 -10.62 23.28
C GLY A 82 15.18 -9.97 22.14
N VAL A 83 13.86 -10.16 22.17
CA VAL A 83 12.92 -9.64 21.19
C VAL A 83 11.99 -8.64 21.87
N ASN A 84 11.60 -7.60 21.13
CA ASN A 84 10.40 -6.86 21.45
C ASN A 84 9.87 -6.25 20.17
N TRP A 85 8.70 -5.62 20.27
CA TRP A 85 8.07 -5.08 19.08
C TRP A 85 8.94 -4.00 18.44
N GLY A 86 9.53 -3.11 19.25
CA GLY A 86 10.42 -2.10 18.71
C GLY A 86 11.53 -2.70 17.84
N ARG A 87 12.15 -3.78 18.31
CA ARG A 87 13.23 -4.38 17.56
C ARG A 87 12.72 -5.03 16.28
N ILE A 88 11.47 -5.51 16.30
CA ILE A 88 10.89 -6.11 15.11
C ILE A 88 10.60 -5.05 14.07
N VAL A 89 10.11 -3.89 14.51
CA VAL A 89 9.98 -2.74 13.63
C VAL A 89 11.35 -2.39 13.02
N ALA A 90 12.38 -2.28 13.88
CA ALA A 90 13.74 -2.01 13.40
C ALA A 90 14.17 -3.03 12.37
N PHE A 91 13.81 -4.29 12.61
CA PHE A 91 14.11 -5.36 11.67
C PHE A 91 13.43 -5.14 10.33
N PHE A 92 12.14 -4.77 10.33
CA PHE A 92 11.47 -4.47 9.06
C PHE A 92 12.10 -3.27 8.37
N SER A 93 12.37 -2.19 9.12
CA SER A 93 12.95 -0.99 8.52
C SER A 93 14.34 -1.27 7.95
N PHE A 94 15.09 -2.17 8.60
CA PHE A 94 16.41 -2.54 8.08
C PHE A 94 16.28 -3.27 6.74
N GLY A 95 15.41 -4.29 6.70
CA GLY A 95 15.14 -4.95 5.43
C GLY A 95 14.72 -3.97 4.35
N GLY A 96 13.78 -3.08 4.69
CA GLY A 96 13.35 -2.07 3.73
C GLY A 96 14.49 -1.23 3.20
N ALA A 97 15.37 -0.74 4.10
CA ALA A 97 16.49 0.08 3.65
C ALA A 97 17.47 -0.72 2.79
N LEU A 98 17.69 -2.00 3.14
CA LEU A 98 18.48 -2.86 2.25
C LEU A 98 17.90 -2.91 0.86
N CYS A 99 16.57 -3.06 0.76
CA CYS A 99 15.93 -3.15 -0.55
C CYS A 99 16.05 -1.85 -1.33
N VAL A 100 15.75 -0.72 -0.68
CA VAL A 100 15.89 0.59 -1.29
C VAL A 100 17.33 0.82 -1.76
N GLU A 101 18.31 0.54 -0.89
CA GLU A 101 19.70 0.71 -1.30
C GLU A 101 20.01 -0.19 -2.49
N SER A 102 19.50 -1.41 -2.48
CA SER A 102 19.80 -2.34 -3.56
C SER A 102 19.28 -1.84 -4.90
N VAL A 103 18.04 -1.36 -4.92
CA VAL A 103 17.45 -0.83 -6.14
C VAL A 103 18.18 0.44 -6.57
N ASP A 104 18.54 1.27 -5.60
CA ASP A 104 19.24 2.51 -5.93
C ASP A 104 20.60 2.24 -6.58
N LYS A 105 21.24 1.13 -6.22
CA LYS A 105 22.57 0.79 -6.74
C LYS A 105 22.51 -0.18 -7.91
N GLU A 106 21.31 -0.43 -8.45
CA GLU A 106 21.14 -1.32 -9.61
C GLU A 106 21.56 -2.75 -9.28
N MET A 107 21.09 -3.22 -8.14
CA MET A 107 21.13 -4.62 -7.74
C MET A 107 19.73 -5.08 -7.35
N GLN A 108 18.76 -4.82 -8.25
CA GLN A 108 17.36 -5.13 -7.99
C GLN A 108 17.16 -6.60 -7.67
N VAL A 109 18.01 -7.48 -8.21
CA VAL A 109 17.90 -8.90 -7.98
C VAL A 109 17.84 -9.24 -6.48
N LEU A 110 18.46 -8.40 -5.64
CA LEU A 110 18.53 -8.71 -4.22
C LEU A 110 17.21 -8.48 -3.49
N VAL A 111 16.29 -7.71 -4.07
CA VAL A 111 15.03 -7.42 -3.37
C VAL A 111 14.30 -8.71 -3.01
N SER A 112 14.14 -9.61 -3.98
CA SER A 112 13.43 -10.85 -3.70
C SER A 112 14.22 -11.73 -2.74
N ARG A 113 15.56 -11.70 -2.83
CA ARG A 113 16.34 -12.47 -1.88
C ARG A 113 16.20 -11.92 -0.46
N ILE A 114 16.24 -10.59 -0.32
CA ILE A 114 16.09 -9.99 1.01
C ILE A 114 14.72 -10.34 1.58
N ALA A 115 13.69 -10.30 0.73
CA ALA A 115 12.34 -10.62 1.16
C ALA A 115 12.28 -12.03 1.73
N ALA A 116 12.92 -12.98 1.05
CA ALA A 116 12.97 -14.35 1.55
C ALA A 116 13.72 -14.44 2.88
N TRP A 117 14.88 -13.77 2.99
CA TRP A 117 15.64 -13.82 4.22
C TRP A 117 14.82 -13.25 5.39
N MET A 118 14.06 -12.18 5.14
CA MET A 118 13.25 -11.62 6.20
C MET A 118 12.13 -12.60 6.59
N ALA A 119 11.45 -13.15 5.58
CA ALA A 119 10.38 -14.10 5.86
C ALA A 119 10.92 -15.30 6.62
N THR A 120 12.10 -15.79 6.24
CA THR A 120 12.69 -16.94 6.89
C THR A 120 13.02 -16.60 8.34
N TYR A 121 13.68 -15.46 8.57
CA TYR A 121 13.96 -15.05 9.94
C TYR A 121 12.66 -14.90 10.75
N LEU A 122 11.65 -14.25 10.17
CA LEU A 122 10.38 -14.06 10.84
C LEU A 122 9.79 -15.40 11.29
N ASN A 123 9.71 -16.35 10.37
CA ASN A 123 8.99 -17.59 10.62
C ASN A 123 9.76 -18.56 11.51
N ASP A 124 11.11 -18.58 11.43
CA ASP A 124 11.89 -19.50 12.26
C ASP A 124 12.35 -18.91 13.58
N HIS A 125 12.56 -17.61 13.70
CA HIS A 125 13.19 -17.07 14.90
C HIS A 125 12.39 -16.02 15.63
N LEU A 126 11.46 -15.32 14.97
CA LEU A 126 10.62 -14.35 15.65
C LEU A 126 9.23 -14.87 15.95
N GLU A 127 8.71 -15.78 15.12
CA GLU A 127 7.30 -16.15 15.23
C GLU A 127 6.94 -16.78 16.57
N PRO A 128 7.78 -17.62 17.19
CA PRO A 128 7.40 -18.11 18.52
C PRO A 128 7.25 -16.97 19.51
N TRP A 129 8.15 -15.99 19.48
CA TRP A 129 8.01 -14.84 20.37
C TRP A 129 6.72 -14.09 20.08
N ILE A 130 6.41 -13.92 18.79
CA ILE A 130 5.18 -13.21 18.42
C ILE A 130 3.97 -13.93 18.99
N GLN A 131 3.98 -15.26 18.93
CA GLN A 131 2.85 -16.05 19.42
C GLN A 131 2.75 -16.00 20.95
N GLU A 132 3.86 -16.20 21.66
CA GLU A 132 3.85 -16.07 23.12
C GLU A 132 3.60 -14.64 23.61
N ASN A 133 3.39 -13.66 22.73
CA ASN A 133 3.28 -12.27 23.19
C ASN A 133 2.06 -11.59 22.61
N GLY A 134 1.05 -12.34 22.21
CA GLY A 134 -0.21 -11.78 21.79
C GLY A 134 -0.45 -11.74 20.30
N GLY A 135 0.46 -12.27 19.48
CA GLY A 135 0.29 -12.23 18.04
C GLY A 135 0.26 -10.79 17.53
N TRP A 136 0.14 -10.68 16.20
CA TRP A 136 0.20 -9.38 15.55
C TRP A 136 -0.94 -8.45 15.96
N ASP A 137 -2.08 -8.99 16.40
CA ASP A 137 -3.15 -8.14 16.91
C ASP A 137 -2.72 -7.33 18.11
N THR A 138 -1.81 -7.88 18.93
CA THR A 138 -1.31 -7.12 20.07
C THR A 138 -0.42 -5.98 19.62
N PHE A 139 0.45 -6.26 18.63
CA PHE A 139 1.21 -5.19 17.98
C PHE A 139 0.29 -4.10 17.47
N VAL A 140 -0.85 -4.47 16.87
CA VAL A 140 -1.78 -3.44 16.40
C VAL A 140 -2.35 -2.66 17.58
N GLU A 141 -2.69 -3.35 18.68
CA GLU A 141 -3.18 -2.66 19.87
C GLU A 141 -2.17 -1.64 20.38
N LEU A 142 -0.88 -1.95 20.28
CA LEU A 142 0.13 -1.07 20.85
C LEU A 142 0.62 -0.01 19.87
N TYR A 143 0.65 -0.31 18.57
CA TYR A 143 1.25 0.60 17.62
C TYR A 143 0.27 1.14 16.59
N GLY A 144 -0.95 0.62 16.54
CA GLY A 144 -1.93 1.19 15.64
C GLY A 144 -2.33 2.58 16.06
N ASN A 145 -2.64 3.41 15.08
CA ASN A 145 -3.06 4.77 15.35
C ASN A 145 -4.58 4.84 15.38
N PRO B 1 -5.34 -22.55 11.10
CA PRO B 1 -5.17 -23.57 10.05
C PRO B 1 -3.72 -23.69 9.52
N LEU B 2 -3.34 -24.92 9.19
CA LEU B 2 -1.98 -25.28 8.75
C LEU B 2 -1.40 -24.29 7.78
N GLY B 3 -0.29 -23.66 8.18
CA GLY B 3 0.47 -22.82 7.30
C GLY B 3 0.08 -21.36 7.25
N SER B 4 -0.96 -20.94 7.97
CA SER B 4 -1.41 -19.57 7.82
C SER B 4 -0.51 -18.57 8.55
N MET B 5 0.08 -18.94 9.69
CA MET B 5 1.06 -18.05 10.32
C MET B 5 2.18 -17.70 9.35
N SER B 6 2.80 -18.74 8.76
CA SER B 6 3.90 -18.54 7.83
C SER B 6 3.48 -17.66 6.66
N GLN B 7 2.29 -17.94 6.11
CA GLN B 7 1.81 -17.20 4.95
C GLN B 7 1.56 -15.74 5.31
N SER B 8 0.95 -15.49 6.47
CA SER B 8 0.70 -14.11 6.88
C SER B 8 1.99 -13.32 7.01
N ASN B 9 3.02 -13.94 7.60
CA ASN B 9 4.27 -13.23 7.77
C ASN B 9 4.91 -12.90 6.41
N ARG B 10 4.78 -13.79 5.43
CA ARG B 10 5.32 -13.50 4.09
C ARG B 10 4.59 -12.32 3.45
N GLU B 11 3.29 -12.21 3.70
CA GLU B 11 2.53 -11.08 3.16
C GLU B 11 2.91 -9.77 3.84
N LEU B 12 3.24 -9.80 5.14
CA LEU B 12 3.72 -8.59 5.80
C LEU B 12 5.03 -8.12 5.20
N VAL B 13 5.99 -9.04 5.01
CA VAL B 13 7.25 -8.71 4.37
C VAL B 13 7.01 -8.06 3.02
N VAL B 14 6.31 -8.78 2.13
CA VAL B 14 6.01 -8.24 0.81
C VAL B 14 5.36 -6.86 0.91
N ASP B 15 4.37 -6.73 1.79
CA ASP B 15 3.65 -5.45 1.88
C ASP B 15 4.58 -4.33 2.36
N PHE B 16 5.43 -4.62 3.33
CA PHE B 16 6.27 -3.56 3.88
C PHE B 16 7.32 -3.12 2.87
N LEU B 17 8.00 -4.08 2.22
CA LEU B 17 9.00 -3.71 1.24
C LEU B 17 8.38 -2.94 0.09
N SER B 18 7.21 -3.38 -0.38
CA SER B 18 6.52 -2.70 -1.49
C SER B 18 6.14 -1.28 -1.11
N TYR B 19 5.56 -1.11 0.07
CA TYR B 19 5.27 0.23 0.57
C TYR B 19 6.53 1.09 0.57
N LYS B 20 7.64 0.49 0.99
CA LYS B 20 8.86 1.25 1.19
C LYS B 20 9.55 1.60 -0.12
N LEU B 21 9.50 0.72 -1.12
CA LEU B 21 10.12 1.04 -2.41
C LEU B 21 9.31 2.10 -3.14
N SER B 22 8.00 1.93 -3.19
CA SER B 22 7.19 2.91 -3.89
C SER B 22 7.19 4.24 -3.14
N GLN B 23 7.30 4.18 -1.81
CA GLN B 23 7.54 5.40 -1.04
C GLN B 23 8.77 6.15 -1.54
N LYS B 24 9.86 5.43 -1.80
CA LYS B 24 11.07 6.08 -2.28
C LYS B 24 11.06 6.30 -3.79
N GLY B 25 9.94 6.04 -4.46
CA GLY B 25 9.81 6.34 -5.87
C GLY B 25 10.04 5.18 -6.82
N TYR B 26 10.51 4.04 -6.36
CA TYR B 26 10.96 2.98 -7.27
C TYR B 26 9.76 2.15 -7.73
N SER B 27 9.51 2.18 -9.04
CA SER B 27 8.52 1.29 -9.66
C SER B 27 9.27 0.08 -10.20
N TRP B 28 9.02 -1.09 -9.61
CA TRP B 28 9.72 -2.31 -10.00
C TRP B 28 8.96 -3.17 -11.00
N SER B 29 7.63 -3.28 -10.87
CA SER B 29 6.82 -4.04 -11.82
C SER B 29 6.25 -3.09 -12.88
N GLN B 30 5.56 -3.67 -13.87
CA GLN B 30 4.80 -2.82 -14.79
C GLN B 30 3.55 -2.30 -14.12
N MET B 31 2.74 -3.20 -13.54
CA MET B 31 1.53 -2.76 -12.87
C MET B 31 1.86 -1.90 -11.65
N ALA B 32 3.05 -2.06 -11.08
CA ALA B 32 3.43 -1.17 -9.99
C ALA B 32 3.43 0.29 -10.44
N ALA B 33 3.93 0.56 -11.65
CA ALA B 33 3.88 1.90 -12.21
C ALA B 33 2.44 2.36 -12.39
N VAL B 34 1.57 1.48 -12.91
CA VAL B 34 0.16 1.82 -13.12
C VAL B 34 -0.52 2.12 -11.81
N LYS B 35 -0.33 1.25 -10.82
CA LYS B 35 -0.93 1.46 -9.51
C LYS B 35 -0.49 2.79 -8.93
N GLN B 36 0.82 3.08 -9.03
CA GLN B 36 1.33 4.32 -8.46
C GLN B 36 0.71 5.52 -9.17
N ALA B 37 0.60 5.45 -10.50
CA ALA B 37 0.00 6.55 -11.25
C ALA B 37 -1.48 6.71 -10.93
N LEU B 38 -2.15 5.60 -10.64
CA LEU B 38 -3.56 5.64 -10.34
C LEU B 38 -3.82 6.23 -8.96
N ARG B 39 -3.03 5.80 -7.97
CA ARG B 39 -3.16 6.35 -6.62
C ARG B 39 -2.96 7.86 -6.62
N GLU B 40 -1.95 8.35 -7.33
CA GLU B 40 -1.68 9.78 -7.35
C GLU B 40 -2.74 10.53 -8.15
N ALA B 41 -3.19 9.95 -9.27
CA ALA B 41 -4.25 10.61 -10.03
C ALA B 41 -5.55 10.67 -9.23
N GLY B 42 -5.85 9.60 -8.49
CA GLY B 42 -6.95 9.65 -7.55
C GLY B 42 -6.82 10.77 -6.53
N ASP B 43 -5.64 10.91 -5.93
CA ASP B 43 -5.44 11.98 -4.95
C ASP B 43 -5.68 13.35 -5.58
N GLU B 44 -5.11 13.60 -6.77
CA GLU B 44 -5.30 14.90 -7.41
C GLU B 44 -6.75 15.14 -7.76
N PHE B 45 -7.42 14.12 -8.32
CA PHE B 45 -8.82 14.25 -8.70
C PHE B 45 -9.67 14.68 -7.52
N GLU B 46 -9.45 14.06 -6.36
CA GLU B 46 -10.28 14.35 -5.20
C GLU B 46 -9.95 15.72 -4.62
N LEU B 47 -8.68 16.13 -4.71
CA LEU B 47 -8.32 17.47 -4.26
C LEU B 47 -9.07 18.53 -5.07
N ARG B 48 -9.04 18.40 -6.40
CA ARG B 48 -9.82 19.32 -7.22
C ARG B 48 -11.31 19.19 -6.93
N TYR B 49 -11.82 17.94 -6.85
CA TYR B 49 -13.25 17.72 -6.66
C TYR B 49 -13.74 18.40 -5.40
N ARG B 50 -13.09 18.15 -4.26
CA ARG B 50 -13.55 18.74 -3.01
C ARG B 50 -13.28 20.23 -2.97
N ARG B 51 -12.31 20.73 -3.74
CA ARG B 51 -12.09 22.16 -3.79
C ARG B 51 -13.21 22.87 -4.53
N ALA B 52 -13.95 22.17 -5.40
CA ALA B 52 -15.04 22.79 -6.13
C ALA B 52 -16.40 22.45 -5.55
N PHE B 53 -16.58 21.26 -4.97
CA PHE B 53 -17.85 20.85 -4.41
C PHE B 53 -17.67 20.50 -2.93
N SER B 54 -18.60 19.73 -2.36
CA SER B 54 -18.40 19.19 -1.02
C SER B 54 -17.43 18.02 -1.10
N ASP B 55 -17.25 17.30 0.01
CA ASP B 55 -16.50 16.07 -0.01
C ASP B 55 -17.20 15.04 -0.89
N LEU B 56 -16.41 14.33 -1.71
CA LEU B 56 -16.98 13.32 -2.59
C LEU B 56 -17.73 12.24 -1.81
N THR B 57 -17.32 12.01 -0.55
CA THR B 57 -17.95 11.01 0.30
C THR B 57 -19.29 11.46 0.89
N SER B 58 -19.54 12.76 0.97
CA SER B 58 -20.80 13.22 1.55
C SER B 58 -21.96 13.22 0.54
N GLN B 59 -21.67 13.10 -0.75
CA GLN B 59 -22.68 13.22 -1.79
C GLN B 59 -23.46 11.93 -2.03
N LEU B 60 -23.37 10.93 -1.14
CA LEU B 60 -23.86 9.60 -1.43
C LEU B 60 -24.64 9.06 -0.23
N HIS B 61 -25.92 8.71 -0.46
CA HIS B 61 -26.77 8.10 0.56
C HIS B 61 -27.07 6.66 0.14
N ILE B 62 -26.31 5.71 0.67
CA ILE B 62 -26.26 4.35 0.13
C ILE B 62 -26.47 3.32 1.23
N THR B 63 -27.17 2.24 0.88
CA THR B 63 -27.50 1.09 1.71
C THR B 63 -27.11 -0.19 0.97
N PRO B 64 -26.81 -1.27 1.72
CA PRO B 64 -26.39 -2.51 1.03
C PRO B 64 -27.40 -3.01 0.00
N GLY B 65 -28.68 -2.99 0.35
CA GLY B 65 -29.69 -3.41 -0.61
C GLY B 65 -29.84 -2.50 -1.81
N THR B 66 -29.34 -1.26 -1.73
CA THR B 66 -29.53 -0.28 -2.78
C THR B 66 -28.22 0.15 -3.43
N ALA B 67 -27.08 -0.27 -2.89
CA ALA B 67 -25.78 0.20 -3.35
C ALA B 67 -25.53 -0.16 -4.81
N TYR B 68 -25.83 -1.41 -5.21
CA TYR B 68 -25.55 -1.84 -6.58
C TYR B 68 -26.24 -0.94 -7.61
N GLN B 69 -27.56 -0.82 -7.52
CA GLN B 69 -28.31 -0.04 -8.51
C GLN B 69 -27.78 1.39 -8.60
N SER B 70 -27.45 2.00 -7.45
CA SER B 70 -26.93 3.36 -7.43
C SER B 70 -25.59 3.45 -8.14
N PHE B 71 -24.69 2.50 -7.83
CA PHE B 71 -23.38 2.46 -8.45
C PHE B 71 -23.48 2.30 -9.96
N GLU B 72 -24.31 1.37 -10.42
CA GLU B 72 -24.41 1.14 -11.86
C GLU B 72 -25.02 2.34 -12.57
N GLN B 73 -25.92 3.06 -11.91
CA GLN B 73 -26.52 4.23 -12.53
C GLN B 73 -25.50 5.36 -12.68
N VAL B 74 -24.75 5.65 -11.62
CA VAL B 74 -23.81 6.77 -11.67
C VAL B 74 -22.73 6.50 -12.71
N VAL B 75 -22.23 5.27 -12.73
CA VAL B 75 -21.17 4.91 -13.67
C VAL B 75 -21.69 4.93 -15.10
N ASN B 76 -22.92 4.46 -15.32
CA ASN B 76 -23.46 4.40 -16.68
C ASN B 76 -23.66 5.80 -17.24
N GLU B 77 -24.07 6.75 -16.41
CA GLU B 77 -24.19 8.12 -16.90
C GLU B 77 -22.81 8.76 -17.08
N LEU B 78 -21.81 8.32 -16.32
CA LEU B 78 -20.49 8.91 -16.43
C LEU B 78 -19.84 8.58 -17.78
N PHE B 79 -20.09 7.38 -18.28
CA PHE B 79 -19.49 6.93 -19.53
C PHE B 79 -20.51 6.86 -20.67
N ARG B 80 -21.76 7.29 -20.42
CA ARG B 80 -22.83 7.19 -21.42
C ARG B 80 -22.43 7.79 -22.77
N ASP B 81 -21.65 8.86 -22.76
CA ASP B 81 -21.33 9.61 -23.97
C ASP B 81 -19.83 9.69 -24.21
N GLY B 82 -19.06 8.72 -23.73
CA GLY B 82 -17.66 8.63 -24.08
C GLY B 82 -16.80 8.22 -22.90
N VAL B 83 -15.60 7.72 -23.23
CA VAL B 83 -14.59 7.33 -22.26
C VAL B 83 -13.35 8.19 -22.48
N ASN B 84 -12.69 8.58 -21.39
CA ASN B 84 -11.35 9.13 -21.48
C ASN B 84 -10.65 8.89 -20.15
N TRP B 85 -9.32 9.06 -20.16
CA TRP B 85 -8.54 8.72 -18.97
C TRP B 85 -9.06 9.45 -17.73
N GLY B 86 -9.48 10.71 -17.88
CA GLY B 86 -9.95 11.46 -16.72
C GLY B 86 -11.22 10.88 -16.13
N ARG B 87 -12.18 10.53 -16.99
CA ARG B 87 -13.39 9.88 -16.52
C ARG B 87 -13.08 8.50 -15.93
N ILE B 88 -12.09 7.78 -16.47
CA ILE B 88 -11.69 6.53 -15.84
C ILE B 88 -11.14 6.79 -14.44
N VAL B 89 -10.34 7.84 -14.28
CA VAL B 89 -9.88 8.26 -12.96
C VAL B 89 -11.08 8.61 -12.05
N ALA B 90 -12.07 9.35 -12.60
CA ALA B 90 -13.26 9.65 -11.82
C ALA B 90 -13.96 8.38 -11.36
N PHE B 91 -13.99 7.37 -12.22
CA PHE B 91 -14.64 6.11 -11.90
C PHE B 91 -13.94 5.42 -10.73
N PHE B 92 -12.60 5.43 -10.70
CA PHE B 92 -11.91 4.86 -9.53
C PHE B 92 -12.18 5.68 -8.28
N SER B 93 -12.09 7.01 -8.38
CA SER B 93 -12.30 7.85 -7.20
C SER B 93 -13.70 7.68 -6.63
N PHE B 94 -14.71 7.57 -7.51
CA PHE B 94 -16.08 7.32 -7.06
C PHE B 94 -16.14 6.03 -6.24
N GLY B 95 -15.69 4.92 -6.82
CA GLY B 95 -15.64 3.67 -6.09
C GLY B 95 -14.90 3.79 -4.77
N GLY B 96 -13.74 4.45 -4.79
CA GLY B 96 -13.02 4.71 -3.55
C GLY B 96 -13.88 5.44 -2.53
N ALA B 97 -14.61 6.47 -2.98
CA ALA B 97 -15.42 7.23 -2.04
C ALA B 97 -16.58 6.38 -1.50
N LEU B 98 -17.20 5.58 -2.37
CA LEU B 98 -18.23 4.64 -1.92
C LEU B 98 -17.71 3.76 -0.79
N CYS B 99 -16.51 3.22 -0.96
CA CYS B 99 -15.95 2.34 0.08
C CYS B 99 -15.71 3.11 1.36
N VAL B 100 -15.12 4.30 1.27
CA VAL B 100 -14.89 5.09 2.47
C VAL B 100 -16.22 5.39 3.17
N GLU B 101 -17.21 5.85 2.42
CA GLU B 101 -18.53 6.11 2.98
C GLU B 101 -19.12 4.86 3.65
N SER B 102 -18.88 3.68 3.06
CA SER B 102 -19.46 2.45 3.59
C SER B 102 -18.85 2.07 4.93
N VAL B 103 -17.52 2.07 5.02
CA VAL B 103 -16.87 1.77 6.29
C VAL B 103 -17.24 2.82 7.34
N ASP B 104 -17.32 4.08 6.95
CA ASP B 104 -17.64 5.11 7.92
C ASP B 104 -19.03 4.93 8.49
N LYS B 105 -19.99 4.52 7.65
CA LYS B 105 -21.36 4.33 8.08
C LYS B 105 -21.65 2.88 8.46
N GLU B 106 -20.59 2.07 8.65
CA GLU B 106 -20.71 0.74 9.23
C GLU B 106 -21.49 -0.19 8.32
N MET B 107 -21.02 -0.28 7.09
CA MET B 107 -21.48 -1.21 6.08
C MET B 107 -20.26 -1.79 5.37
N GLN B 108 -19.29 -2.24 6.17
CA GLN B 108 -18.04 -2.82 5.67
C GLN B 108 -18.29 -3.95 4.67
N VAL B 109 -19.44 -4.64 4.76
CA VAL B 109 -19.75 -5.69 3.80
C VAL B 109 -19.68 -5.18 2.36
N LEU B 110 -19.97 -3.90 2.13
CA LEU B 110 -20.09 -3.42 0.77
C LEU B 110 -18.74 -3.30 0.07
N VAL B 111 -17.65 -3.18 0.83
CA VAL B 111 -16.34 -2.87 0.24
C VAL B 111 -15.99 -3.86 -0.87
N SER B 112 -15.89 -5.16 -0.53
CA SER B 112 -15.46 -6.12 -1.55
C SER B 112 -16.53 -6.34 -2.62
N ARG B 113 -17.79 -6.03 -2.32
CA ARG B 113 -18.77 -6.01 -3.41
C ARG B 113 -18.46 -4.90 -4.40
N ILE B 114 -18.18 -3.69 -3.90
CA ILE B 114 -17.91 -2.55 -4.78
C ILE B 114 -16.70 -2.84 -5.66
N ALA B 115 -15.66 -3.46 -5.08
CA ALA B 115 -14.50 -3.83 -5.87
C ALA B 115 -14.89 -4.75 -7.03
N ALA B 116 -15.77 -5.72 -6.76
CA ALA B 116 -16.23 -6.62 -7.82
C ALA B 116 -17.03 -5.86 -8.88
N TRP B 117 -18.00 -5.02 -8.45
CA TRP B 117 -18.76 -4.24 -9.44
C TRP B 117 -17.83 -3.37 -10.28
N MET B 118 -16.78 -2.81 -9.68
CA MET B 118 -15.85 -1.98 -10.43
C MET B 118 -15.07 -2.83 -11.42
N ALA B 119 -14.54 -3.97 -10.97
CA ALA B 119 -13.72 -4.82 -11.83
C ALA B 119 -14.53 -5.34 -13.01
N THR B 120 -15.78 -5.76 -12.75
CA THR B 120 -16.66 -6.21 -13.81
C THR B 120 -16.93 -5.10 -14.82
N TYR B 121 -17.24 -3.89 -14.32
CA TYR B 121 -17.45 -2.78 -15.26
C TYR B 121 -16.16 -2.45 -15.99
N LEU B 122 -15.04 -2.39 -15.26
CA LEU B 122 -13.77 -2.10 -15.90
C LEU B 122 -13.44 -3.11 -17.01
N ASN B 123 -13.66 -4.40 -16.73
CA ASN B 123 -13.29 -5.43 -17.68
C ASN B 123 -14.27 -5.54 -18.85
N ASP B 124 -15.55 -5.27 -18.63
CA ASP B 124 -16.53 -5.38 -19.71
C ASP B 124 -16.63 -4.13 -20.57
N HIS B 125 -16.63 -2.93 -19.96
CA HIS B 125 -16.96 -1.71 -20.69
C HIS B 125 -15.83 -0.70 -20.80
N LEU B 126 -14.72 -0.87 -20.11
CA LEU B 126 -13.62 0.07 -20.22
C LEU B 126 -12.39 -0.52 -20.88
N GLU B 127 -12.18 -1.81 -20.68
CA GLU B 127 -10.97 -2.44 -21.21
C GLU B 127 -10.86 -2.38 -22.73
N PRO B 128 -11.92 -2.55 -23.51
CA PRO B 128 -11.77 -2.33 -24.97
C PRO B 128 -11.24 -0.94 -25.30
N TRP B 129 -11.85 0.11 -24.73
CA TRP B 129 -11.37 1.47 -24.96
C TRP B 129 -9.92 1.60 -24.56
N ILE B 130 -9.55 1.02 -23.42
CA ILE B 130 -8.17 1.13 -22.94
C ILE B 130 -7.20 0.55 -23.96
N GLN B 131 -7.54 -0.62 -24.51
CA GLN B 131 -6.66 -1.26 -25.48
C GLN B 131 -6.55 -0.42 -26.76
N GLU B 132 -7.65 0.17 -27.22
CA GLU B 132 -7.64 1.06 -28.38
C GLU B 132 -6.84 2.34 -28.15
N ASN B 133 -6.52 2.69 -26.91
CA ASN B 133 -5.91 3.98 -26.61
C ASN B 133 -4.58 3.83 -25.89
N GLY B 134 -3.87 2.74 -26.16
CA GLY B 134 -2.50 2.59 -25.72
C GLY B 134 -2.31 1.80 -24.47
N GLY B 135 -3.37 1.23 -23.90
CA GLY B 135 -3.24 0.44 -22.69
C GLY B 135 -2.88 1.29 -21.48
N TRP B 136 -2.83 0.62 -20.33
CA TRP B 136 -2.44 1.30 -19.10
C TRP B 136 -1.09 1.99 -19.21
N ASP B 137 -0.21 1.53 -20.11
CA ASP B 137 1.09 2.18 -20.28
C ASP B 137 0.94 3.63 -20.74
N THR B 138 0.03 3.88 -21.69
CA THR B 138 -0.22 5.25 -22.12
C THR B 138 -0.74 6.09 -20.96
N PHE B 139 -1.53 5.49 -20.08
CA PHE B 139 -2.01 6.21 -18.91
C PHE B 139 -0.85 6.59 -17.99
N VAL B 140 0.06 5.63 -17.75
CA VAL B 140 1.22 5.92 -16.92
C VAL B 140 2.02 7.07 -17.51
N GLU B 141 2.15 7.10 -18.83
CA GLU B 141 2.89 8.17 -19.48
C GLU B 141 2.19 9.51 -19.28
N LEU B 142 0.86 9.52 -19.24
CA LEU B 142 0.12 10.76 -19.14
C LEU B 142 -0.08 11.26 -17.71
N TYR B 143 -0.12 10.37 -16.72
CA TYR B 143 -0.50 10.77 -15.37
C TYR B 143 0.49 10.36 -14.28
N GLY B 144 1.58 9.69 -14.62
CA GLY B 144 2.58 9.35 -13.62
C GLY B 144 3.55 10.49 -13.34
N ASN B 145 4.13 10.45 -12.14
CA ASN B 145 5.03 11.50 -11.65
C ASN B 145 4.36 12.87 -11.63
N GLY C 3 33.94 -1.77 13.71
CA GLY C 3 33.19 -2.68 12.86
C GLY C 3 31.82 -2.14 12.46
N TPO C 4 31.62 -1.97 11.15
CA TPO C 4 30.47 -1.28 10.58
CB TPO C 4 30.58 -1.23 9.04
CG2 TPO C 4 29.29 -0.69 8.41
OG1 TPO C 4 31.69 -0.40 8.62
P TPO C 4 32.49 -1.13 7.42
O1P TPO C 4 33.44 -0.04 6.73
O2P TPO C 4 33.34 -2.23 7.97
O3P TPO C 4 31.46 -1.72 6.32
C TPO C 4 29.12 -1.89 10.96
O TPO C 4 28.18 -1.19 11.33
N MET C 5 29.01 -3.22 10.86
CA MET C 5 27.75 -3.89 11.12
C MET C 5 27.39 -3.89 12.60
N GLU C 6 28.39 -4.09 13.48
CA GLU C 6 28.12 -4.03 14.91
C GLU C 6 27.55 -2.67 15.29
N ASN C 7 28.09 -1.60 14.70
CA ASN C 7 27.61 -0.26 15.01
C ASN C 7 26.19 -0.03 14.51
N LEU C 8 25.90 -0.52 13.30
CA LEU C 8 24.53 -0.43 12.79
C LEU C 8 23.58 -1.27 13.62
N SER C 9 24.02 -2.47 14.03
CA SER C 9 23.22 -3.27 14.95
C SER C 9 22.91 -2.49 16.23
N ARG C 10 23.92 -1.80 16.78
CA ARG C 10 23.71 -1.03 18.00
C ARG C 10 22.70 0.10 17.79
N ARG C 11 22.79 0.79 16.65
CA ARG C 11 21.88 1.91 16.41
C ARG C 11 20.45 1.42 16.17
N LEU C 12 20.29 0.28 15.50
CA LEU C 12 18.96 -0.29 15.32
C LEU C 12 18.37 -0.74 16.64
N LYS C 13 19.19 -1.42 17.46
CA LYS C 13 18.70 -2.02 18.69
C LYS C 13 18.26 -0.97 19.70
N VAL C 14 19.01 0.14 19.80
CA VAL C 14 18.66 1.20 20.75
C VAL C 14 17.47 2.01 20.26
N THR C 15 17.35 2.22 18.95
CA THR C 15 16.19 2.92 18.43
C THR C 15 14.94 2.07 18.59
N GLY C 16 15.05 0.75 18.38
CA GLY C 16 13.92 -0.12 18.58
C GLY C 16 13.47 -0.14 20.02
N ASP C 17 14.42 -0.10 20.96
CA ASP C 17 14.08 -0.15 22.38
C ASP C 17 13.41 1.14 22.83
N LEU C 18 13.89 2.29 22.37
CA LEU C 18 13.19 3.54 22.68
C LEU C 18 11.77 3.51 22.10
N PHE C 19 11.64 2.97 20.90
CA PHE C 19 10.33 2.81 20.28
C PHE C 19 9.42 1.95 21.13
N ASP C 20 9.90 0.77 21.52
CA ASP C 20 9.14 -0.13 22.38
C ASP C 20 8.72 0.55 23.68
N ILE C 21 9.63 1.33 24.28
CA ILE C 21 9.34 2.01 25.53
C ILE C 21 8.22 3.04 25.36
N MET C 22 8.15 3.68 24.21
CA MET C 22 7.09 4.66 23.96
C MET C 22 5.87 3.97 23.35
N SER C 23 5.30 3.04 24.12
CA SER C 23 4.10 2.30 23.71
C SER C 23 3.59 1.45 24.87
N GLY D 3 -31.68 14.50 -11.11
CA GLY D 3 -31.85 13.72 -9.90
C GLY D 3 -30.64 13.69 -8.98
N TPO D 4 -30.69 12.82 -7.97
CA TPO D 4 -29.67 12.74 -6.93
CB TPO D 4 -30.18 11.84 -5.78
CG2 TPO D 4 -29.92 10.33 -5.96
OG1 TPO D 4 -29.66 12.25 -4.52
P TPO D 4 -30.99 12.53 -3.67
O1P TPO D 4 -31.81 13.54 -4.37
O2P TPO D 4 -31.84 11.16 -3.59
O3P TPO D 4 -30.61 13.04 -2.19
C TPO D 4 -28.33 12.23 -7.45
O TPO D 4 -27.26 12.71 -7.07
N MET D 5 -28.39 11.25 -8.34
CA MET D 5 -27.19 10.59 -8.79
C MET D 5 -26.82 11.18 -10.15
N GLU D 6 -27.83 11.71 -10.86
CA GLU D 6 -27.55 12.46 -12.07
C GLU D 6 -26.62 13.64 -11.77
N ASN D 7 -26.84 14.32 -10.64
CA ASN D 7 -25.97 15.42 -10.25
C ASN D 7 -24.58 14.93 -9.88
N LEU D 8 -24.51 13.78 -9.21
CA LEU D 8 -23.22 13.22 -8.84
C LEU D 8 -22.41 12.88 -10.08
N SER D 9 -23.03 12.21 -11.05
CA SER D 9 -22.25 11.79 -12.20
C SER D 9 -21.89 12.99 -13.06
N ARG D 10 -22.71 14.03 -13.03
CA ARG D 10 -22.33 15.27 -13.72
C ARG D 10 -21.11 15.90 -13.08
N ARG D 11 -21.03 15.93 -11.75
CA ARG D 11 -19.84 16.48 -11.11
C ARG D 11 -18.61 15.61 -11.39
N LEU D 12 -18.81 14.29 -11.42
CA LEU D 12 -17.72 13.38 -11.75
C LEU D 12 -17.29 13.56 -13.20
N LYS D 13 -18.27 13.65 -14.11
CA LYS D 13 -17.97 13.78 -15.53
C LYS D 13 -17.18 15.06 -15.82
N VAL D 14 -17.60 16.18 -15.23
CA VAL D 14 -16.96 17.44 -15.57
C VAL D 14 -15.58 17.56 -14.91
N THR D 15 -15.41 16.99 -13.72
CA THR D 15 -14.10 17.02 -13.09
C THR D 15 -13.11 16.12 -13.84
N GLY D 16 -13.58 14.95 -14.30
CA GLY D 16 -12.74 14.09 -15.10
C GLY D 16 -12.34 14.73 -16.42
N ASP D 17 -13.28 15.40 -17.09
CA ASP D 17 -12.96 16.05 -18.36
C ASP D 17 -11.92 17.14 -18.16
N LEU D 18 -12.08 17.96 -17.11
CA LEU D 18 -11.04 18.94 -16.78
C LEU D 18 -9.71 18.24 -16.55
N PHE D 19 -9.73 17.12 -15.83
CA PHE D 19 -8.52 16.35 -15.60
C PHE D 19 -7.91 15.89 -16.92
N ASP D 20 -8.74 15.41 -17.84
CA ASP D 20 -8.25 14.87 -19.11
C ASP D 20 -7.59 15.95 -19.97
N ILE D 21 -8.22 17.12 -20.06
CA ILE D 21 -7.64 18.23 -20.79
C ILE D 21 -6.26 18.59 -20.25
N MET D 22 -6.12 18.61 -18.93
CA MET D 22 -4.86 19.03 -18.31
C MET D 22 -3.86 17.86 -18.22
N SER D 23 -3.57 17.28 -19.38
CA SER D 23 -2.63 16.16 -19.46
C SER D 23 -2.19 15.92 -20.90
#